data_2CL8
#
_entry.id   2CL8
#
_cell.length_a   83.998
_cell.length_b   83.998
_cell.length_c   117.404
_cell.angle_alpha   90.00
_cell.angle_beta   90.00
_cell.angle_gamma   120.00
#
_symmetry.space_group_name_H-M   'P 32 2 1'
#
loop_
_entity.id
_entity.type
_entity.pdbx_description
1 polymer DECTIN-1
2 branched beta-D-glucopyranose-(1-3)-beta-D-glucopyranose-(1-3)-beta-D-glucopyranose
3 non-polymer 'CALCIUM ION'
4 non-polymer 'CHLORIDE ION'
5 water water
#
_entity_poly.entity_id   1
_entity_poly.type   'polypeptide(L)'
_entity_poly.pdbx_seq_one_letter_code
;GGFSQSCLPNWIMHGKSCYLFSFSGNSWYGSKRHCSQLGAHLLKIDNSKEFEFIESQTSSHRINAFWIGLSRNQSEGPWF
WEDGSAFFPNSFQVRNAVPQESLLHNCVWIHGSEVYNQICNTSSYSICEKELKHHHHHH
;
_entity_poly.pdbx_strand_id   A,B
#
# COMPACT_ATOMS: atom_id res chain seq x y z
N GLN A 5 16.71 19.22 -9.02
CA GLN A 5 15.46 18.43 -8.87
C GLN A 5 15.03 17.82 -10.22
N SER A 6 15.19 16.51 -10.41
CA SER A 6 15.00 15.98 -11.77
C SER A 6 14.24 14.65 -11.92
N CYS A 7 13.64 14.37 -13.08
CA CYS A 7 12.83 13.18 -13.25
C CYS A 7 13.49 12.35 -14.27
N LEU A 8 13.18 11.07 -14.25
CA LEU A 8 13.69 10.16 -15.27
C LEU A 8 13.22 10.47 -16.70
N PRO A 9 13.95 9.95 -17.69
CA PRO A 9 13.38 9.96 -19.00
C PRO A 9 11.97 9.43 -18.93
N ASN A 10 11.08 10.01 -19.73
CA ASN A 10 9.71 9.59 -19.86
C ASN A 10 8.89 9.88 -18.64
N TRP A 11 9.42 10.54 -17.63
CA TRP A 11 8.53 10.94 -16.57
C TRP A 11 8.27 12.41 -16.66
N ILE A 12 7.02 12.83 -16.42
CA ILE A 12 6.63 14.24 -16.50
C ILE A 12 6.76 14.91 -15.14
N MET A 13 7.16 16.19 -15.14
CA MET A 13 7.28 16.94 -13.91
C MET A 13 5.99 17.72 -13.76
N HIS A 14 5.33 17.60 -12.63
CA HIS A 14 4.32 18.57 -12.32
C HIS A 14 4.22 18.77 -10.82
N GLY A 15 3.95 20.01 -10.40
CA GLY A 15 3.74 20.33 -9.01
C GLY A 15 5.01 20.00 -8.31
N LYS A 16 4.99 19.00 -7.46
CA LYS A 16 6.25 18.69 -6.85
C LYS A 16 6.72 17.27 -7.03
N SER A 17 6.33 16.68 -8.17
CA SER A 17 6.56 15.29 -8.45
C SER A 17 6.88 15.01 -9.88
N CYS A 18 7.26 13.76 -10.08
CA CYS A 18 7.48 13.20 -11.39
C CYS A 18 6.44 12.11 -11.57
N TYR A 19 5.75 12.11 -12.69
CA TYR A 19 4.70 11.12 -12.92
C TYR A 19 5.07 10.26 -14.10
N LEU A 20 4.67 8.99 -14.06
CA LEU A 20 4.87 8.10 -15.16
C LEU A 20 3.53 7.58 -15.52
N PHE A 21 3.18 7.76 -16.79
CA PHE A 21 1.88 7.33 -17.30
C PHE A 21 2.09 6.00 -17.99
N SER A 22 1.67 4.94 -17.35
CA SER A 22 2.07 3.63 -17.78
C SER A 22 1.04 3.09 -18.72
N PHE A 23 1.33 3.22 -20.01
CA PHE A 23 0.41 2.71 -21.00
C PHE A 23 0.55 1.21 -21.17
N SER A 24 0.43 0.48 -20.07
CA SER A 24 0.62 -0.93 -20.17
C SER A 24 -0.26 -1.68 -19.20
N GLY A 25 -0.96 -2.68 -19.72
CA GLY A 25 -1.99 -3.42 -18.97
C GLY A 25 -1.46 -4.06 -17.73
N ASN A 26 -2.31 -4.21 -16.72
CA ASN A 26 -1.86 -4.76 -15.44
C ASN A 26 -2.90 -4.69 -14.34
N SER A 27 -2.82 -5.60 -13.38
CA SER A 27 -3.74 -5.55 -12.26
C SER A 27 -3.41 -4.33 -11.35
N TRP A 28 -4.27 -4.04 -10.36
CA TRP A 28 -3.92 -3.00 -9.41
C TRP A 28 -2.63 -3.39 -8.71
N TYR A 29 -2.47 -4.68 -8.45
CA TYR A 29 -1.36 -5.15 -7.67
C TYR A 29 -0.13 -5.10 -8.51
N GLY A 30 -0.26 -5.56 -9.76
CA GLY A 30 0.80 -5.55 -10.76
C GLY A 30 1.31 -4.15 -11.00
N SER A 31 0.38 -3.23 -11.32
CA SER A 31 0.65 -1.80 -11.43
C SER A 31 1.44 -1.30 -10.24
N LYS A 32 1.00 -1.72 -9.07
CA LYS A 32 1.66 -1.31 -7.88
C LYS A 32 3.11 -1.80 -7.86
N ARG A 33 3.33 -3.12 -8.04
CA ARG A 33 4.68 -3.69 -8.01
CA ARG A 33 4.68 -3.64 -7.98
C ARG A 33 5.56 -2.97 -9.02
N HIS A 34 5.06 -2.83 -10.24
CA HIS A 34 5.76 -2.06 -11.29
C HIS A 34 6.20 -0.62 -10.91
N CYS A 35 5.36 0.18 -10.25
CA CYS A 35 5.80 1.50 -9.83
C CYS A 35 6.89 1.39 -8.82
N SER A 36 6.72 0.43 -7.92
CA SER A 36 7.59 0.26 -6.80
C SER A 36 9.00 -0.26 -7.22
N GLN A 37 9.02 -1.05 -8.28
CA GLN A 37 10.26 -1.42 -8.91
C GLN A 37 11.02 -0.23 -9.46
N LEU A 38 10.35 0.80 -9.98
CA LEU A 38 11.06 2.04 -10.38
C LEU A 38 11.26 3.01 -9.19
N GLY A 39 11.16 2.48 -7.97
CA GLY A 39 11.24 3.30 -6.76
C GLY A 39 10.21 4.42 -6.67
N ALA A 40 9.02 4.19 -7.22
CA ALA A 40 7.94 5.15 -7.15
C ALA A 40 6.79 4.49 -6.40
N HIS A 41 5.61 5.09 -6.51
CA HIS A 41 4.37 4.48 -6.06
C HIS A 41 3.19 4.89 -6.93
N LEU A 42 2.03 4.31 -6.67
CA LEU A 42 0.87 4.71 -7.44
C LEU A 42 0.42 6.12 -7.02
N LEU A 43 -0.22 6.79 -7.97
CA LEU A 43 -0.47 8.22 -7.91
C LEU A 43 -1.21 8.52 -6.65
N LYS A 44 -0.81 9.57 -5.93
CA LYS A 44 -1.64 10.09 -4.84
C LYS A 44 -2.09 11.51 -5.16
N ILE A 45 -3.38 11.76 -5.10
CA ILE A 45 -3.83 13.06 -5.53
C ILE A 45 -4.08 13.90 -4.32
N ASP A 46 -3.25 14.92 -4.06
CA ASP A 46 -3.41 15.72 -2.82
C ASP A 46 -4.37 16.91 -3.01
N ASN A 47 -4.04 17.84 -3.88
CA ASN A 47 -4.91 18.99 -4.13
C ASN A 47 -5.67 18.94 -5.47
N SER A 48 -6.53 19.93 -5.69
CA SER A 48 -7.16 20.10 -6.97
C SER A 48 -6.23 20.46 -8.13
N LYS A 49 -5.15 21.18 -7.89
CA LYS A 49 -4.23 21.45 -8.98
C LYS A 49 -3.70 20.15 -9.56
N GLU A 50 -3.29 19.22 -8.67
CA GLU A 50 -2.74 17.93 -9.08
C GLU A 50 -3.83 17.18 -9.83
N PHE A 51 -5.03 17.17 -9.25
CA PHE A 51 -6.10 16.44 -9.84
C PHE A 51 -6.30 16.87 -11.30
N GLU A 52 -6.38 18.18 -11.50
CA GLU A 52 -6.63 18.78 -12.82
C GLU A 52 -5.58 18.44 -13.84
N PHE A 53 -4.34 18.33 -13.39
CA PHE A 53 -3.26 17.97 -14.31
C PHE A 53 -3.39 16.53 -14.76
N ILE A 54 -3.58 15.64 -13.79
CA ILE A 54 -3.86 14.25 -14.05
C ILE A 54 -5.07 14.12 -14.93
N GLU A 55 -6.12 14.88 -14.62
CA GLU A 55 -7.38 14.76 -15.36
C GLU A 55 -7.19 15.13 -16.82
N SER A 56 -6.23 15.99 -17.14
CA SER A 56 -5.98 16.30 -18.55
C SER A 56 -5.42 15.10 -19.25
N GLN A 57 -4.63 14.35 -18.52
CA GLN A 57 -4.02 13.25 -19.16
C GLN A 57 -5.05 12.14 -19.38
N THR A 58 -5.84 11.86 -18.35
CA THR A 58 -6.70 10.69 -18.39
C THR A 58 -7.85 10.91 -19.35
N SER A 59 -8.31 12.14 -19.40
CA SER A 59 -9.45 12.42 -20.23
C SER A 59 -9.03 12.57 -21.68
N SER A 60 -7.75 12.74 -21.95
CA SER A 60 -7.31 12.79 -23.36
C SER A 60 -6.79 11.42 -23.79
N HIS A 61 -7.01 10.43 -22.93
CA HIS A 61 -6.71 9.06 -23.24
C HIS A 61 -7.87 8.29 -22.69
N ARG A 62 -9.11 8.63 -23.12
CA ARG A 62 -10.27 7.93 -22.59
C ARG A 62 -10.44 6.46 -23.02
N ILE A 63 -9.65 5.98 -23.99
CA ILE A 63 -9.69 4.54 -24.38
C ILE A 63 -9.52 3.64 -23.16
N ASN A 64 -8.92 4.20 -22.12
CA ASN A 64 -8.45 3.38 -21.04
C ASN A 64 -8.57 4.01 -19.70
N ALA A 65 -8.53 3.17 -18.68
CA ALA A 65 -8.63 3.65 -17.32
C ALA A 65 -7.24 3.55 -16.74
N PHE A 66 -6.93 4.37 -15.74
CA PHE A 66 -5.63 4.33 -15.09
C PHE A 66 -5.74 4.09 -13.60
N TRP A 67 -5.08 3.03 -13.12
CA TRP A 67 -5.12 2.66 -11.70
C TRP A 67 -4.48 3.77 -10.92
N ILE A 68 -4.99 4.09 -9.74
CA ILE A 68 -4.28 5.05 -8.91
C ILE A 68 -4.06 4.47 -7.56
N GLY A 69 -3.28 5.14 -6.73
CA GLY A 69 -2.91 4.61 -5.41
C GLY A 69 -4.00 4.62 -4.34
N LEU A 70 -5.25 4.39 -4.71
CA LEU A 70 -6.30 4.48 -3.72
C LEU A 70 -7.03 3.17 -3.64
N SER A 71 -7.27 2.70 -2.42
CA SER A 71 -7.90 1.38 -2.21
C SER A 71 -8.53 1.27 -0.82
N ARG A 72 -9.15 0.12 -0.56
CA ARG A 72 -9.66 -0.15 0.76
C ARG A 72 -9.53 -1.62 1.08
N ASN A 73 -9.65 -2.00 2.35
CA ASN A 73 -9.52 -3.39 2.73
C ASN A 73 -10.88 -3.98 2.94
N GLN A 74 -11.72 -3.33 3.73
CA GLN A 74 -13.05 -3.86 4.05
C GLN A 74 -13.88 -3.68 2.83
N SER A 75 -14.28 -4.82 2.26
CA SER A 75 -15.19 -4.91 1.10
C SER A 75 -16.37 -3.86 1.14
N GLU A 76 -16.42 -3.07 2.23
CA GLU A 76 -17.22 -1.86 2.39
C GLU A 76 -16.68 -1.14 3.62
N GLY A 77 -15.53 -0.50 3.49
CA GLY A 77 -14.85 0.19 4.61
C GLY A 77 -14.29 1.51 4.12
N PRO A 78 -13.43 2.16 4.91
CA PRO A 78 -12.94 3.50 4.47
C PRO A 78 -11.80 3.42 3.43
N TRP A 79 -11.83 4.28 2.39
CA TRP A 79 -10.72 4.45 1.43
C TRP A 79 -9.49 5.10 2.06
N PHE A 80 -8.34 4.64 1.60
CA PHE A 80 -7.04 5.13 2.07
CA PHE A 80 -7.05 5.14 2.07
C PHE A 80 -6.05 5.19 0.92
N TRP A 81 -5.14 6.14 0.95
CA TRP A 81 -4.11 6.31 -0.06
C TRP A 81 -2.94 5.36 0.13
N GLU A 82 -2.13 5.18 -0.90
CA GLU A 82 -1.01 4.25 -0.86
C GLU A 82 -0.13 4.58 0.32
N ASP A 83 0.04 5.86 0.58
CA ASP A 83 0.84 6.27 1.71
C ASP A 83 0.11 6.11 3.07
N GLY A 84 -1.06 5.48 3.10
CA GLY A 84 -1.79 5.30 4.36
C GLY A 84 -2.62 6.46 4.89
N SER A 85 -2.46 7.63 4.29
CA SER A 85 -3.31 8.76 4.67
C SER A 85 -4.74 8.53 4.20
N ALA A 86 -5.67 9.05 4.97
CA ALA A 86 -7.12 8.92 4.77
C ALA A 86 -7.64 9.75 3.59
N PHE A 87 -8.71 9.27 2.97
CA PHE A 87 -9.26 9.92 1.83
C PHE A 87 -10.22 11.06 2.17
N PHE A 88 -9.93 12.25 1.70
CA PHE A 88 -10.91 13.28 1.81
C PHE A 88 -11.30 13.73 0.41
N PRO A 89 -12.61 13.80 0.09
CA PRO A 89 -12.92 14.11 -1.30
C PRO A 89 -12.92 15.62 -1.60
N ASN A 90 -11.75 16.26 -1.58
CA ASN A 90 -11.71 17.65 -2.03
C ASN A 90 -11.48 17.84 -3.50
N SER A 91 -11.18 16.81 -4.25
CA SER A 91 -11.09 17.07 -5.66
C SER A 91 -12.12 16.28 -6.38
N PHE A 92 -12.44 15.11 -5.85
CA PHE A 92 -13.42 14.21 -6.44
C PHE A 92 -14.02 13.29 -5.38
N GLN A 93 -15.05 12.55 -5.76
CA GLN A 93 -15.62 11.50 -4.96
C GLN A 93 -15.61 10.24 -5.82
N VAL A 94 -15.46 9.09 -5.18
CA VAL A 94 -15.32 7.79 -5.87
C VAL A 94 -16.69 7.28 -6.33
N ARG A 95 -16.82 6.82 -7.57
CA ARG A 95 -18.13 6.56 -8.13
C ARG A 95 -18.51 5.09 -8.21
N ASN A 96 -19.81 4.81 -8.33
CA ASN A 96 -20.49 3.48 -8.13
C ASN A 96 -20.57 3.11 -6.65
N ALA A 97 -21.24 3.98 -5.88
CA ALA A 97 -21.07 4.00 -4.41
C ALA A 97 -22.20 3.35 -3.61
N VAL A 98 -23.37 3.11 -4.23
CA VAL A 98 -24.50 2.46 -3.53
C VAL A 98 -24.06 1.08 -3.01
N PRO A 99 -24.36 0.79 -1.71
CA PRO A 99 -24.16 -0.51 -1.05
C PRO A 99 -23.88 -1.74 -1.96
N GLN A 100 -24.89 -2.27 -2.66
CA GLN A 100 -24.77 -3.53 -3.43
C GLN A 100 -23.65 -3.51 -4.48
N GLU A 101 -23.70 -2.55 -5.40
CA GLU A 101 -22.79 -2.51 -6.57
C GLU A 101 -21.34 -1.97 -6.27
N SER A 102 -20.99 -1.98 -4.99
CA SER A 102 -19.70 -1.52 -4.50
C SER A 102 -18.94 -2.79 -4.03
N LEU A 103 -19.72 -3.83 -3.72
CA LEU A 103 -19.21 -5.14 -3.26
C LEU A 103 -18.09 -5.69 -4.20
N LEU A 104 -16.89 -5.92 -3.60
CA LEU A 104 -15.65 -6.43 -4.26
C LEU A 104 -14.87 -5.39 -5.04
N HIS A 105 -15.44 -4.20 -5.18
CA HIS A 105 -14.77 -3.15 -5.93
C HIS A 105 -13.96 -2.33 -4.96
N ASN A 106 -12.76 -2.76 -4.67
CA ASN A 106 -11.99 -2.12 -3.63
C ASN A 106 -10.70 -1.42 -4.05
N CYS A 107 -10.49 -1.36 -5.36
CA CYS A 107 -9.41 -0.53 -5.91
C CYS A 107 -9.99 0.62 -6.73
N VAL A 108 -9.20 1.67 -6.90
CA VAL A 108 -9.72 2.85 -7.55
C VAL A 108 -8.96 3.17 -8.82
N TRP A 109 -9.68 3.35 -9.93
CA TRP A 109 -9.01 3.85 -11.10
C TRP A 109 -9.67 5.10 -11.62
N ILE A 110 -8.95 5.83 -12.48
CA ILE A 110 -9.54 6.96 -13.21
C ILE A 110 -9.81 6.52 -14.64
N HIS A 111 -11.03 6.77 -15.11
CA HIS A 111 -11.40 6.59 -16.51
C HIS A 111 -12.07 7.85 -17.03
N GLY A 112 -11.54 8.44 -18.10
CA GLY A 112 -11.98 9.75 -18.56
C GLY A 112 -11.75 10.77 -17.45
N SER A 113 -12.84 11.28 -16.86
CA SER A 113 -12.75 12.33 -15.84
C SER A 113 -13.31 11.89 -14.51
N GLU A 114 -13.63 10.60 -14.44
CA GLU A 114 -14.25 10.03 -13.26
C GLU A 114 -13.34 9.09 -12.58
N VAL A 115 -13.54 8.99 -11.28
CA VAL A 115 -12.81 8.07 -10.45
C VAL A 115 -13.82 7.03 -9.95
N TYR A 116 -13.60 5.75 -10.30
CA TYR A 116 -14.52 4.63 -9.98
C TYR A 116 -13.83 3.63 -9.10
N ASN A 117 -14.58 2.95 -8.22
CA ASN A 117 -14.08 1.71 -7.61
C ASN A 117 -14.21 0.59 -8.59
N GLN A 118 -13.30 -0.35 -8.52
CA GLN A 118 -13.24 -1.40 -9.51
C GLN A 118 -12.64 -2.61 -8.83
N ILE A 119 -12.85 -3.76 -9.43
CA ILE A 119 -12.35 -5.00 -8.92
C ILE A 119 -10.81 -4.95 -9.08
N CYS A 120 -10.13 -5.08 -7.94
CA CYS A 120 -8.70 -4.89 -7.87
C CYS A 120 -7.87 -5.61 -8.89
N ASN A 121 -8.29 -6.71 -9.47
CA ASN A 121 -7.35 -7.23 -10.43
C ASN A 121 -7.80 -7.20 -11.88
N THR A 122 -8.72 -6.31 -12.19
CA THR A 122 -8.90 -5.96 -13.57
C THR A 122 -7.59 -5.42 -14.13
N SER A 123 -7.34 -5.79 -15.37
CA SER A 123 -6.17 -5.34 -16.06
C SER A 123 -6.41 -3.93 -16.55
N SER A 124 -5.42 -3.05 -16.41
CA SER A 124 -5.52 -1.71 -16.93
C SER A 124 -4.20 -0.96 -16.97
N TYR A 125 -4.27 0.32 -17.32
CA TYR A 125 -3.11 1.16 -17.29
C TYR A 125 -3.01 1.74 -15.92
N SER A 126 -1.97 2.54 -15.68
CA SER A 126 -1.69 3.03 -14.34
C SER A 126 -0.79 4.23 -14.36
N ILE A 127 -0.73 4.93 -13.24
CA ILE A 127 0.07 6.12 -13.13
C ILE A 127 0.99 6.04 -11.88
N CYS A 128 2.31 6.10 -12.07
CA CYS A 128 3.18 6.14 -10.92
C CYS A 128 3.54 7.54 -10.57
N GLU A 129 3.96 7.72 -9.32
CA GLU A 129 4.36 9.05 -8.85
C GLU A 129 5.58 8.93 -8.03
N LYS A 130 6.58 9.77 -8.29
CA LYS A 130 7.72 9.88 -7.37
C LYS A 130 7.85 11.33 -6.95
N GLU A 131 7.83 11.55 -5.64
CA GLU A 131 7.86 12.91 -5.07
C GLU A 131 9.28 13.47 -5.11
N LEU A 132 9.42 14.79 -4.99
CA LEU A 132 10.76 15.42 -5.05
C LEU A 132 11.26 15.98 -3.70
N LYS A 133 10.47 16.20 -2.77
N GLN B 5 26.87 3.05 2.67
CA GLN B 5 25.38 3.24 2.61
C GLN B 5 24.75 3.17 4.04
N SER B 6 23.96 4.17 4.42
CA SER B 6 23.74 4.47 5.87
C SER B 6 22.28 4.64 6.42
N CYS B 7 22.09 4.55 7.73
CA CYS B 7 20.75 4.59 8.33
C CYS B 7 20.63 5.77 9.22
N LEU B 8 19.40 6.22 9.41
CA LEU B 8 19.09 7.25 10.36
C LEU B 8 19.35 6.83 11.80
N PRO B 9 19.61 7.80 12.66
CA PRO B 9 19.58 7.51 14.07
C PRO B 9 18.39 6.64 14.40
N ASN B 10 18.64 5.62 15.20
CA ASN B 10 17.59 4.77 15.73
C ASN B 10 17.10 3.73 14.78
N TRP B 11 17.51 3.80 13.54
CA TRP B 11 17.21 2.73 12.65
C TRP B 11 18.34 1.76 12.69
N ILE B 12 18.02 0.46 12.65
CA ILE B 12 19.00 -0.63 12.75
C ILE B 12 19.25 -1.17 11.36
N MET B 13 20.51 -1.46 11.04
CA MET B 13 20.86 -1.94 9.71
C MET B 13 20.75 -3.44 9.78
N HIS B 14 20.30 -4.07 8.72
CA HIS B 14 20.39 -5.51 8.61
C HIS B 14 20.09 -5.96 7.18
N GLY B 15 20.91 -6.88 6.66
CA GLY B 15 20.84 -7.35 5.30
C GLY B 15 20.95 -6.17 4.35
N LYS B 16 19.87 -5.82 3.69
CA LYS B 16 19.97 -4.77 2.70
C LYS B 16 19.33 -3.50 3.19
N SER B 17 18.90 -3.48 4.45
CA SER B 17 17.92 -2.49 4.87
C SER B 17 18.12 -1.80 6.22
N CYS B 18 17.42 -0.67 6.36
CA CYS B 18 17.34 -0.04 7.65
C CYS B 18 15.97 -0.29 8.21
N TYR B 19 15.89 -0.55 9.50
CA TYR B 19 14.60 -0.84 10.14
C TYR B 19 14.33 0.11 11.27
N LEU B 20 13.07 0.39 11.51
CA LEU B 20 12.66 1.14 12.67
C LEU B 20 11.59 0.34 13.34
N PHE B 21 11.85 0.09 14.62
CA PHE B 21 10.92 -0.63 15.46
C PHE B 21 10.14 0.41 16.21
N SER B 22 8.89 0.58 15.89
CA SER B 22 8.22 1.72 16.38
C SER B 22 7.34 1.39 17.55
N PHE B 23 7.75 1.77 18.75
CA PHE B 23 6.90 1.55 19.93
C PHE B 23 5.86 2.67 20.15
N SER B 24 4.97 2.87 19.17
CA SER B 24 3.86 3.79 19.37
C SER B 24 2.69 3.13 18.83
N GLY B 25 1.66 3.07 19.65
CA GLY B 25 0.38 2.50 19.24
C GLY B 25 -0.14 3.24 18.04
N ASN B 26 -0.73 2.50 17.11
CA ASN B 26 -1.31 3.13 15.93
C ASN B 26 -2.06 2.10 15.11
N SER B 27 -2.95 2.54 14.25
CA SER B 27 -3.64 1.56 13.45
C SER B 27 -2.67 1.04 12.39
N TRP B 28 -3.13 0.11 11.58
CA TRP B 28 -2.35 -0.28 10.44
C TRP B 28 -2.17 0.91 9.51
N TYR B 29 -3.21 1.74 9.38
CA TYR B 29 -3.19 2.82 8.40
C TYR B 29 -2.24 3.83 8.94
N GLY B 30 -2.45 4.16 10.22
CA GLY B 30 -1.62 5.06 10.97
C GLY B 30 -0.16 4.68 10.85
N SER B 31 0.18 3.45 11.24
CA SER B 31 1.54 2.96 11.17
C SER B 31 2.12 3.13 9.79
N LYS B 32 1.30 2.80 8.80
CA LYS B 32 1.70 2.96 7.41
C LYS B 32 2.09 4.40 7.05
N ARG B 33 1.29 5.34 7.57
CA ARG B 33 1.44 6.78 7.30
C ARG B 33 2.77 7.20 7.90
N HIS B 34 2.93 6.93 9.19
CA HIS B 34 4.14 7.22 9.95
C HIS B 34 5.45 6.74 9.26
N CYS B 35 5.52 5.50 8.82
CA CYS B 35 6.67 5.04 8.05
C CYS B 35 6.93 5.87 6.84
N SER B 36 5.82 6.15 6.16
CA SER B 36 5.88 6.83 4.91
C SER B 36 6.34 8.29 5.07
N GLN B 37 5.95 8.88 6.20
CA GLN B 37 6.45 10.17 6.52
C GLN B 37 7.94 10.21 6.75
N LEU B 38 8.56 9.14 7.24
CA LEU B 38 10.01 9.13 7.37
C LEU B 38 10.64 8.69 6.05
N GLY B 39 9.85 8.65 5.01
CA GLY B 39 10.35 8.21 3.72
C GLY B 39 10.64 6.73 3.68
N ALA B 40 9.79 5.91 4.28
CA ALA B 40 9.97 4.45 4.28
C ALA B 40 8.60 3.82 4.07
N HIS B 41 8.55 2.51 4.22
CA HIS B 41 7.33 1.74 4.14
C HIS B 41 7.20 0.75 5.31
N LEU B 42 6.06 0.10 5.45
CA LEU B 42 5.98 -0.94 6.44
C LEU B 42 6.80 -2.16 6.00
N LEU B 43 7.21 -2.96 6.96
CA LEU B 43 8.13 -4.06 6.76
C LEU B 43 7.71 -4.99 5.63
N LYS B 44 8.63 -5.36 4.76
CA LYS B 44 8.35 -6.43 3.81
C LYS B 44 9.41 -7.49 4.00
N ILE B 45 8.96 -8.71 4.20
CA ILE B 45 9.88 -9.77 4.57
C ILE B 45 10.18 -10.62 3.36
N ASP B 46 11.37 -10.49 2.79
CA ASP B 46 11.69 -11.20 1.54
C ASP B 46 12.33 -12.58 1.74
N ASN B 47 12.61 -13.02 2.96
CA ASN B 47 13.20 -14.37 3.12
C ASN B 47 13.45 -14.74 4.56
N SER B 48 13.96 -15.95 4.75
CA SER B 48 14.14 -16.49 6.09
C SER B 48 15.13 -15.70 6.97
N LYS B 49 16.14 -15.16 6.33
CA LYS B 49 17.15 -14.43 7.05
C LYS B 49 16.52 -13.13 7.58
N GLU B 50 15.77 -12.43 6.78
CA GLU B 50 15.09 -11.24 7.24
C GLU B 50 14.12 -11.59 8.29
N PHE B 51 13.42 -12.74 8.11
CA PHE B 51 12.38 -13.09 9.02
C PHE B 51 12.94 -13.32 10.40
N GLU B 52 14.02 -14.08 10.46
CA GLU B 52 14.66 -14.46 11.70
C GLU B 52 15.17 -13.26 12.46
N PHE B 53 15.72 -12.30 11.73
CA PHE B 53 16.20 -11.07 12.41
C PHE B 53 15.03 -10.33 13.06
N ILE B 54 13.94 -10.16 12.30
CA ILE B 54 12.75 -9.52 12.77
C ILE B 54 12.22 -10.32 13.94
N GLU B 55 12.16 -11.64 13.75
CA GLU B 55 11.55 -12.52 14.72
C GLU B 55 12.25 -12.43 16.09
N SER B 56 13.53 -12.17 16.15
CA SER B 56 14.09 -11.98 17.51
C SER B 56 13.79 -10.64 18.15
N GLN B 57 13.48 -9.64 17.33
CA GLN B 57 12.99 -8.41 17.92
C GLN B 57 11.54 -8.57 18.36
N THR B 58 10.72 -9.21 17.53
CA THR B 58 9.33 -9.41 17.97
C THR B 58 9.14 -10.35 19.15
N SER B 59 9.92 -11.44 19.21
CA SER B 59 9.82 -12.34 20.37
C SER B 59 10.44 -11.83 21.65
N SER B 60 11.28 -10.82 21.57
CA SER B 60 11.84 -10.24 22.80
C SER B 60 10.99 -9.07 23.25
N HIS B 61 9.87 -8.86 22.58
CA HIS B 61 9.00 -7.77 22.95
C HIS B 61 7.57 -8.27 22.86
N ARG B 62 7.31 -9.45 23.45
CA ARG B 62 6.01 -10.12 23.33
C ARG B 62 4.84 -9.28 23.83
N ILE B 63 5.08 -8.34 24.77
CA ILE B 63 3.98 -7.45 25.25
C ILE B 63 3.13 -6.93 24.08
N ASN B 64 3.75 -6.43 23.03
CA ASN B 64 2.93 -5.96 21.92
C ASN B 64 3.11 -6.69 20.63
N ALA B 65 2.22 -6.42 19.68
CA ALA B 65 2.34 -6.92 18.34
C ALA B 65 2.89 -5.77 17.53
N PHE B 66 3.41 -6.07 16.33
CA PHE B 66 3.98 -5.08 15.42
C PHE B 66 3.37 -5.20 14.05
N TRP B 67 2.73 -4.12 13.61
CA TRP B 67 2.08 -4.09 12.28
C TRP B 67 3.17 -4.35 11.26
N ILE B 68 2.84 -5.00 10.15
CA ILE B 68 3.81 -5.12 9.06
C ILE B 68 3.12 -4.89 7.75
N GLY B 69 3.92 -4.73 6.71
CA GLY B 69 3.37 -4.32 5.40
C GLY B 69 2.64 -5.38 4.60
N LEU B 70 1.76 -6.14 5.23
CA LEU B 70 1.07 -7.18 4.50
C LEU B 70 -0.38 -7.07 4.83
N SER B 71 -1.19 -7.11 3.78
CA SER B 71 -2.66 -6.81 3.88
C SER B 71 -3.37 -7.47 2.71
N ARG B 72 -4.69 -7.50 2.76
CA ARG B 72 -5.43 -7.99 1.64
C ARG B 72 -6.59 -7.04 1.42
N ASN B 73 -7.17 -7.06 0.21
CA ASN B 73 -8.23 -6.13 -0.12
C ASN B 73 -9.61 -6.62 -0.01
N GLN B 74 -9.79 -7.91 0.17
CA GLN B 74 -11.15 -8.39 0.25
C GLN B 74 -11.23 -9.52 1.22
N SER B 75 -12.24 -9.44 2.07
CA SER B 75 -12.33 -10.28 3.31
C SER B 75 -11.87 -11.77 3.16
N GLU B 76 -11.77 -12.29 1.95
CA GLU B 76 -11.16 -13.60 1.72
C GLU B 76 -10.53 -13.52 0.35
N GLY B 77 -9.32 -12.95 0.29
CA GLY B 77 -8.62 -12.75 -0.98
C GLY B 77 -7.11 -12.83 -0.76
N PRO B 78 -6.33 -12.72 -1.86
CA PRO B 78 -4.88 -13.00 -1.75
C PRO B 78 -4.08 -11.91 -1.01
N TRP B 79 -3.29 -12.29 0.00
CA TRP B 79 -2.33 -11.37 0.65
C TRP B 79 -1.31 -10.76 -0.29
N PHE B 80 -1.08 -9.46 -0.14
CA PHE B 80 -0.04 -8.77 -0.90
CA PHE B 80 -0.04 -8.77 -0.90
C PHE B 80 0.76 -7.87 0.01
N TRP B 81 2.01 -7.65 -0.36
CA TRP B 81 2.94 -6.79 0.34
C TRP B 81 2.74 -5.28 0.05
N GLU B 82 3.40 -4.41 0.80
CA GLU B 82 3.20 -2.96 0.63
C GLU B 82 3.57 -2.60 -0.76
N ASP B 83 4.48 -3.37 -1.36
CA ASP B 83 5.02 -3.03 -2.64
C ASP B 83 4.22 -3.63 -3.78
N GLY B 84 3.21 -4.45 -3.47
CA GLY B 84 2.36 -5.00 -4.53
C GLY B 84 2.69 -6.43 -4.87
N SER B 85 3.90 -6.84 -4.50
CA SER B 85 4.35 -8.23 -4.74
C SER B 85 3.55 -9.22 -3.93
N ALA B 86 3.21 -10.36 -4.51
CA ALA B 86 2.30 -11.32 -3.91
C ALA B 86 2.90 -12.12 -2.75
N PHE B 87 2.07 -12.59 -1.85
CA PHE B 87 2.54 -13.34 -0.70
C PHE B 87 2.87 -14.79 -0.97
N PHE B 88 4.11 -15.19 -0.80
CA PHE B 88 4.44 -16.59 -0.76
C PHE B 88 4.87 -16.97 0.66
N PRO B 89 4.35 -18.09 1.21
CA PRO B 89 4.77 -18.44 2.56
C PRO B 89 6.18 -19.08 2.70
N ASN B 90 7.22 -18.37 2.28
CA ASN B 90 8.61 -18.80 2.46
C ASN B 90 9.01 -18.98 3.85
N SER B 91 8.72 -17.99 4.70
CA SER B 91 9.29 -18.07 5.99
C SER B 91 8.26 -18.39 7.01
N PHE B 92 7.01 -18.01 6.77
CA PHE B 92 5.89 -18.24 7.71
C PHE B 92 4.59 -18.28 6.94
N GLN B 93 3.52 -18.70 7.62
CA GLN B 93 2.13 -18.54 7.14
C GLN B 93 1.30 -17.66 8.12
N VAL B 94 0.35 -16.91 7.56
CA VAL B 94 -0.61 -16.07 8.30
C VAL B 94 -1.60 -16.94 9.13
N ARG B 95 -1.99 -16.53 10.34
CA ARG B 95 -2.71 -17.42 11.27
C ARG B 95 -4.04 -16.85 11.75
N ASN B 96 -4.89 -17.70 12.34
CA ASN B 96 -6.39 -17.59 12.35
C ASN B 96 -7.02 -17.76 10.98
N ALA B 97 -6.71 -18.88 10.32
CA ALA B 97 -6.85 -18.95 8.87
C ALA B 97 -8.17 -19.52 8.29
N VAL B 98 -8.97 -20.23 9.09
CA VAL B 98 -10.22 -20.80 8.52
C VAL B 98 -11.14 -19.67 7.99
N PRO B 99 -11.67 -19.85 6.75
CA PRO B 99 -12.62 -18.92 6.09
C PRO B 99 -13.62 -18.03 6.94
N GLN B 100 -14.04 -18.47 8.12
CA GLN B 100 -15.12 -17.73 8.84
C GLN B 100 -14.61 -16.82 9.95
N GLU B 101 -13.58 -17.28 10.67
CA GLU B 101 -13.03 -16.52 11.80
C GLU B 101 -12.12 -15.35 11.39
N SER B 102 -11.53 -15.43 10.19
CA SER B 102 -10.70 -14.34 9.65
C SER B 102 -11.44 -13.38 8.67
N LEU B 103 -12.75 -13.20 8.87
CA LEU B 103 -13.54 -12.18 8.13
C LEU B 103 -13.40 -10.83 8.88
N LEU B 104 -13.16 -9.76 8.10
CA LEU B 104 -12.78 -8.40 8.60
C LEU B 104 -11.35 -8.29 9.12
N HIS B 105 -10.55 -9.33 8.95
CA HIS B 105 -9.16 -9.28 9.40
C HIS B 105 -8.30 -9.20 8.17
N ASN B 106 -8.07 -8.00 7.64
CA ASN B 106 -7.29 -7.91 6.40
C ASN B 106 -5.93 -7.22 6.46
N CYS B 107 -5.47 -6.96 7.67
CA CYS B 107 -4.09 -6.52 7.87
C CYS B 107 -3.30 -7.56 8.67
N VAL B 108 -1.98 -7.55 8.55
CA VAL B 108 -1.17 -8.51 9.25
C VAL B 108 -0.20 -7.91 10.24
N TRP B 109 -0.11 -8.50 11.42
CA TRP B 109 0.88 -8.06 12.37
C TRP B 109 1.60 -9.26 12.92
N ILE B 110 2.81 -9.04 13.44
CA ILE B 110 3.59 -10.06 14.16
C ILE B 110 3.47 -9.86 15.65
N HIS B 111 3.09 -10.92 16.35
CA HIS B 111 3.06 -10.93 17.81
C HIS B 111 3.87 -12.15 18.30
N GLY B 112 4.86 -11.89 19.17
CA GLY B 112 5.81 -12.93 19.58
C GLY B 112 6.51 -13.52 18.37
N SER B 113 6.20 -14.77 18.02
CA SER B 113 6.85 -15.42 16.88
C SER B 113 5.86 -15.78 15.79
N GLU B 114 4.65 -15.29 15.90
CA GLU B 114 3.59 -15.75 15.03
C GLU B 114 3.09 -14.57 14.24
N VAL B 115 2.59 -14.84 13.04
CA VAL B 115 2.08 -13.81 12.17
C VAL B 115 0.56 -13.97 12.00
N TYR B 116 -0.22 -13.10 12.63
CA TYR B 116 -1.69 -13.17 12.60
C TYR B 116 -2.29 -12.11 11.67
N ASN B 117 -3.46 -12.39 11.11
CA ASN B 117 -4.27 -11.34 10.50
C ASN B 117 -5.08 -10.70 11.60
N GLN B 118 -5.46 -9.44 11.40
CA GLN B 118 -6.21 -8.67 12.39
C GLN B 118 -7.06 -7.60 11.74
N ILE B 119 -8.02 -7.08 12.53
CA ILE B 119 -8.78 -5.84 12.24
C ILE B 119 -7.77 -4.69 11.97
N CYS B 120 -7.80 -4.15 10.73
CA CYS B 120 -6.82 -3.14 10.31
C CYS B 120 -6.77 -1.97 11.24
N ASN B 121 -7.90 -1.68 11.84
CA ASN B 121 -8.04 -0.58 12.72
C ASN B 121 -7.43 -0.68 14.11
N THR B 122 -7.07 -1.87 14.55
CA THR B 122 -6.56 -2.09 15.89
C THR B 122 -5.27 -1.34 16.15
N SER B 123 -5.04 -1.00 17.41
CA SER B 123 -3.87 -0.21 17.77
C SER B 123 -2.70 -1.07 18.11
N SER B 124 -1.51 -0.65 17.69
CA SER B 124 -0.35 -1.51 17.88
C SER B 124 0.94 -0.86 17.52
N TYR B 125 2.04 -1.53 17.84
CA TYR B 125 3.31 -1.07 17.35
C TYR B 125 3.47 -1.39 15.89
N SER B 126 4.64 -1.05 15.35
CA SER B 126 4.86 -1.33 13.95
C SER B 126 6.31 -1.31 13.64
N ILE B 127 6.66 -1.87 12.49
CA ILE B 127 8.03 -1.88 12.00
C ILE B 127 8.14 -1.18 10.61
N CYS B 128 9.02 -0.18 10.47
CA CYS B 128 9.24 0.38 9.13
C CYS B 128 10.51 -0.12 8.46
N GLU B 129 10.54 0.03 7.15
CA GLU B 129 11.69 -0.43 6.42
C GLU B 129 11.99 0.45 5.26
N LYS B 130 13.24 0.82 5.13
CA LYS B 130 13.77 1.60 4.02
C LYS B 130 14.96 0.80 3.52
N GLU B 131 14.95 0.42 2.25
CA GLU B 131 16.02 -0.40 1.70
C GLU B 131 17.20 0.48 1.24
N LEU B 132 18.43 0.06 1.52
CA LEU B 132 19.60 0.77 1.03
C LEU B 132 19.86 0.48 -0.47
N LYS B 133 19.95 -0.70 -0.87
#